data_1JTQ
#
_entry.id   1JTQ
#
_cell.length_a   127.800
_cell.length_b   127.800
_cell.length_c   68.100
_cell.angle_alpha   90.00
_cell.angle_beta   90.00
_cell.angle_gamma   120.00
#
_symmetry.space_group_name_H-M   'P 63'
#
loop_
_entity.id
_entity.type
_entity.pdbx_description
1 polymer 'THYMIDYLATE SYNTHASE'
2 non-polymer "2'-DEOXYURIDINE 5'-MONOPHOSPHATE"
3 non-polymer '2-{4-[2-(2-AMINO-4-OXO-4,7-DIHYDRO-3H-PYRROLO[2,3-D]PYRIMIDIN-5-YL)-ETHYL]-BENZOYLAMINO}-4-(2H-TETRAZOL-5-YL)-BUTYRIC ACID'
4 water water
#
_entity_poly.entity_id   1
_entity_poly.type   'polypeptide(L)'
_entity_poly.pdbx_seq_one_letter_code
;(CXM)KQYLELMQKVLDEGTQKNDRTGTGTLSIFGHQMRFNLQDGFPLVTTKRCHLRSIIHELLWFLQGDTNIAYLHENN
VTIWDEWADENGDLGPVYGKQWRAWPTPDGRHIDQITTVLNQLKNDPDSRRIIVSAWNVGELDKMALAPCHAFFQFYVAD
GKLSCQLYQRSCDVFLGLPFNIASYALLVHMMAQQCDLEVGDFVWTGGDTHLYSNHMDQTHLQLSREPRPLPKLIIKRKP
ESIFDYRFEDFEIEGYDPHPGIKAPVAI
;
_entity_poly.pdbx_strand_id   A,B
#
# COMPACT_ATOMS: atom_id res chain seq x y z
N LYS A 2 12.06 -13.98 13.92
CA LYS A 2 10.80 -14.71 14.08
C LYS A 2 9.74 -14.41 13.00
N GLN A 3 9.41 -13.15 12.82
CA GLN A 3 8.38 -12.76 11.83
C GLN A 3 8.77 -13.19 10.41
N TYR A 4 10.06 -13.06 10.09
CA TYR A 4 10.57 -13.43 8.77
C TYR A 4 10.39 -14.93 8.56
N LEU A 5 10.88 -15.73 9.50
CA LEU A 5 10.78 -17.18 9.41
C LEU A 5 9.36 -17.67 9.36
N GLU A 6 8.43 -16.92 9.97
CA GLU A 6 7.03 -17.32 9.93
C GLU A 6 6.44 -17.08 8.54
N LEU A 7 6.92 -16.02 7.88
CA LEU A 7 6.47 -15.68 6.53
C LEU A 7 6.93 -16.77 5.57
N MET A 8 8.21 -17.16 5.65
CA MET A 8 8.76 -18.21 4.78
C MET A 8 7.98 -19.50 4.90
N GLN A 9 7.63 -19.85 6.12
CA GLN A 9 6.86 -21.05 6.38
C GLN A 9 5.45 -20.88 5.83
N LYS A 10 4.93 -19.67 5.83
CA LYS A 10 3.57 -19.43 5.35
C LYS A 10 3.49 -19.61 3.83
N VAL A 11 4.50 -19.09 3.14
CA VAL A 11 4.60 -19.18 1.68
C VAL A 11 4.59 -20.66 1.31
N LEU A 12 5.43 -21.42 2.02
CA LEU A 12 5.56 -22.87 1.83
C LEU A 12 4.28 -23.59 2.16
N ASP A 13 3.57 -23.14 3.18
CA ASP A 13 2.34 -23.85 3.53
C ASP A 13 1.15 -23.63 2.60
N GLU A 14 0.93 -22.38 2.19
CA GLU A 14 -0.22 -22.06 1.37
C GLU A 14 0.10 -21.30 0.09
N GLY A 15 1.30 -21.51 -0.44
CA GLY A 15 1.69 -20.83 -1.66
C GLY A 15 1.18 -21.58 -2.89
N THR A 16 1.02 -20.86 -3.99
CA THR A 16 0.58 -21.48 -5.23
C THR A 16 1.72 -21.36 -6.20
N GLN A 17 1.90 -22.35 -7.06
CA GLN A 17 2.95 -22.28 -8.06
C GLN A 17 2.50 -21.31 -9.14
N LYS A 18 3.38 -20.36 -9.45
CA LYS A 18 3.10 -19.36 -10.47
C LYS A 18 4.30 -19.15 -11.36
N ASN A 19 4.04 -18.97 -12.65
CA ASN A 19 5.12 -18.68 -13.60
C ASN A 19 5.34 -17.17 -13.48
N ASP A 20 6.54 -16.69 -13.81
CA ASP A 20 6.82 -15.27 -13.68
C ASP A 20 7.61 -14.67 -14.82
N ARG A 21 7.78 -13.36 -14.75
CA ARG A 21 8.51 -12.56 -15.73
C ARG A 21 9.90 -13.11 -16.07
N THR A 22 10.65 -13.49 -15.03
CA THR A 22 12.00 -14.02 -15.21
C THR A 22 12.09 -15.46 -15.72
N GLY A 23 10.94 -16.13 -15.83
CA GLY A 23 10.93 -17.51 -16.31
C GLY A 23 11.52 -18.52 -15.34
N THR A 24 11.64 -18.10 -14.07
CA THR A 24 12.17 -18.99 -13.05
C THR A 24 11.08 -19.84 -12.40
N GLY A 25 9.92 -19.22 -12.12
CA GLY A 25 8.82 -19.93 -11.48
C GLY A 25 8.88 -19.66 -9.98
N THR A 26 7.73 -19.41 -9.37
CA THR A 26 7.69 -19.12 -7.93
C THR A 26 6.63 -19.88 -7.15
N LEU A 27 6.72 -19.76 -5.82
CA LEU A 27 5.74 -20.32 -4.90
C LEU A 27 5.25 -19.00 -4.35
N SER A 28 3.95 -18.72 -4.45
CA SER A 28 3.45 -17.41 -4.05
C SER A 28 2.14 -17.26 -3.29
N ILE A 29 2.12 -16.27 -2.39
CA ILE A 29 0.92 -15.89 -1.62
C ILE A 29 0.71 -14.40 -1.88
N PHE A 30 -0.53 -13.94 -1.76
CA PHE A 30 -0.86 -12.54 -2.00
C PHE A 30 -1.40 -11.85 -0.76
N GLY A 31 -0.72 -10.81 -0.31
CA GLY A 31 -1.19 -10.09 0.86
C GLY A 31 -0.72 -10.71 2.16
N HIS A 32 0.10 -9.94 2.87
CA HIS A 32 0.65 -10.34 4.15
C HIS A 32 1.12 -9.09 4.88
N GLN A 33 1.04 -9.12 6.19
CA GLN A 33 1.47 -7.99 6.98
C GLN A 33 2.19 -8.44 8.22
N MET A 34 3.28 -7.77 8.53
CA MET A 34 4.04 -8.04 9.74
C MET A 34 4.50 -6.72 10.36
N ARG A 35 4.87 -6.77 11.63
CA ARG A 35 5.27 -5.56 12.35
C ARG A 35 6.54 -5.78 13.13
N PHE A 36 7.39 -4.76 13.16
CA PHE A 36 8.63 -4.82 13.91
C PHE A 36 8.73 -3.61 14.84
N ASN A 37 8.73 -3.85 16.15
CA ASN A 37 8.88 -2.79 17.14
C ASN A 37 10.37 -2.47 17.18
N LEU A 38 10.74 -1.33 16.58
CA LEU A 38 12.14 -0.92 16.52
C LEU A 38 12.85 -0.74 17.84
N GLN A 39 12.08 -0.64 18.91
CA GLN A 39 12.62 -0.48 20.27
C GLN A 39 13.23 -1.82 20.72
N ASP A 40 12.72 -2.92 20.18
CA ASP A 40 13.21 -4.26 20.52
C ASP A 40 14.61 -4.52 20.01
N GLY A 41 14.98 -3.89 18.90
CA GLY A 41 16.30 -4.08 18.31
C GLY A 41 16.25 -3.81 16.82
N PHE A 42 17.42 -3.76 16.18
CA PHE A 42 17.50 -3.49 14.74
C PHE A 42 17.17 -4.76 13.97
N PRO A 43 16.06 -4.76 13.19
CA PRO A 43 15.61 -5.91 12.41
C PRO A 43 16.48 -6.39 11.25
N LEU A 44 17.68 -6.84 11.59
CA LEU A 44 18.62 -7.37 10.61
C LEU A 44 18.64 -8.88 10.84
N VAL A 45 18.22 -9.63 9.82
CA VAL A 45 18.16 -11.09 9.85
C VAL A 45 19.40 -11.77 10.48
N THR A 46 19.16 -12.68 11.41
CA THR A 46 20.27 -13.38 12.06
C THR A 46 20.42 -14.85 11.61
N THR A 47 19.40 -15.41 10.97
CA THR A 47 19.48 -16.80 10.53
C THR A 47 20.37 -16.99 9.30
N LYS A 48 21.00 -15.93 8.84
CA LYS A 48 21.92 -15.95 7.70
C LYS A 48 22.67 -14.63 7.71
N ARG A 49 23.96 -14.64 7.37
CA ARG A 49 24.73 -13.41 7.39
C ARG A 49 24.38 -12.38 6.33
N CYS A 50 24.02 -11.18 6.78
CA CYS A 50 23.68 -10.10 5.87
C CYS A 50 24.81 -9.10 5.78
N HIS A 51 24.98 -8.58 4.57
CA HIS A 51 26.01 -7.64 4.22
C HIS A 51 25.48 -6.20 4.37
N LEU A 52 25.51 -5.71 5.61
CA LEU A 52 25.00 -4.38 5.97
C LEU A 52 25.55 -3.22 5.13
N ARG A 53 26.82 -3.36 4.72
CA ARG A 53 27.51 -2.36 3.92
C ARG A 53 26.74 -1.98 2.64
N SER A 54 26.13 -2.96 2.00
CA SER A 54 25.36 -2.73 0.79
C SER A 54 24.04 -2.04 1.09
N ILE A 55 23.40 -2.48 2.17
CA ILE A 55 22.13 -1.93 2.61
C ILE A 55 22.21 -0.41 2.86
N ILE A 56 23.25 0.01 3.61
CA ILE A 56 23.46 1.41 3.94
C ILE A 56 23.76 2.29 2.73
N HIS A 57 24.70 1.85 1.90
CA HIS A 57 25.11 2.59 0.71
C HIS A 57 23.97 2.76 -0.30
N GLU A 58 23.07 1.79 -0.35
CA GLU A 58 21.95 1.88 -1.27
C GLU A 58 21.02 3.01 -0.80
N LEU A 59 20.81 3.08 0.51
CA LEU A 59 19.93 4.08 1.07
C LEU A 59 20.45 5.51 0.97
N LEU A 60 21.76 5.67 1.13
CA LEU A 60 22.36 7.01 1.04
C LEU A 60 22.26 7.45 -0.41
N TRP A 61 22.40 6.47 -1.29
CA TRP A 61 22.33 6.64 -2.72
C TRP A 61 20.93 7.11 -3.08
N PHE A 62 19.92 6.45 -2.50
CA PHE A 62 18.50 6.78 -2.71
C PHE A 62 18.22 8.22 -2.32
N LEU A 63 18.68 8.58 -1.11
CA LEU A 63 18.47 9.92 -0.55
C LEU A 63 19.21 11.00 -1.30
N GLN A 64 20.20 10.61 -2.10
CA GLN A 64 20.94 11.60 -2.88
C GLN A 64 20.14 11.94 -4.14
N GLY A 65 19.18 11.06 -4.48
CA GLY A 65 18.37 11.26 -5.68
C GLY A 65 19.07 10.74 -6.91
N ASP A 66 20.04 9.85 -6.67
CA ASP A 66 20.86 9.26 -7.71
C ASP A 66 20.24 7.98 -8.25
N THR A 67 20.45 7.72 -9.54
CA THR A 67 19.93 6.54 -10.22
C THR A 67 21.00 5.85 -11.09
N ASN A 68 22.25 6.31 -10.99
CA ASN A 68 23.38 5.75 -11.72
C ASN A 68 24.21 4.98 -10.72
N ILE A 69 24.70 3.80 -11.12
CA ILE A 69 25.44 2.93 -10.21
C ILE A 69 26.89 3.31 -9.91
N ALA A 70 27.37 4.38 -10.51
CA ALA A 70 28.74 4.82 -10.27
C ALA A 70 29.06 4.92 -8.79
N TYR A 71 28.17 5.60 -8.03
CA TYR A 71 28.36 5.75 -6.59
C TYR A 71 28.50 4.40 -5.88
N LEU A 72 27.56 3.49 -6.17
CA LEU A 72 27.57 2.15 -5.58
C LEU A 72 28.89 1.47 -5.91
N HIS A 73 29.36 1.64 -7.15
CA HIS A 73 30.60 1.04 -7.58
C HIS A 73 31.83 1.55 -6.84
N GLU A 74 31.94 2.87 -6.66
CA GLU A 74 33.11 3.39 -5.97
C GLU A 74 33.12 3.05 -4.49
N ASN A 75 32.12 2.29 -4.05
CA ASN A 75 32.02 1.84 -2.68
C ASN A 75 31.85 0.33 -2.69
N ASN A 76 32.16 -0.27 -3.83
CA ASN A 76 32.11 -1.71 -4.06
C ASN A 76 30.76 -2.42 -3.90
N VAL A 77 29.65 -1.72 -4.07
CA VAL A 77 28.36 -2.39 -3.96
C VAL A 77 27.96 -2.67 -5.41
N THR A 78 27.61 -3.93 -5.65
CA THR A 78 27.26 -4.42 -6.99
C THR A 78 25.84 -4.97 -7.13
N ILE A 79 24.96 -4.72 -6.17
CA ILE A 79 23.59 -5.24 -6.20
C ILE A 79 22.68 -4.82 -7.35
N TRP A 80 23.02 -3.76 -8.07
CA TRP A 80 22.18 -3.28 -9.16
C TRP A 80 22.73 -3.45 -10.57
N ASP A 81 23.94 -4.01 -10.68
CA ASP A 81 24.61 -4.22 -11.97
C ASP A 81 23.82 -4.91 -13.07
N GLU A 82 23.05 -5.93 -12.72
CA GLU A 82 22.31 -6.68 -13.73
C GLU A 82 21.18 -5.93 -14.44
N TRP A 83 20.85 -4.74 -13.97
CA TRP A 83 19.76 -3.97 -14.57
C TRP A 83 20.18 -2.61 -15.16
N ALA A 84 21.43 -2.23 -14.90
CA ALA A 84 21.94 -0.95 -15.41
C ALA A 84 22.33 -1.09 -16.87
N ASP A 85 22.34 0.03 -17.59
CA ASP A 85 22.69 0.03 -18.99
C ASP A 85 24.18 0.24 -19.18
N GLU A 86 24.58 0.50 -20.43
CA GLU A 86 25.98 0.72 -20.81
C GLU A 86 26.59 1.87 -20.00
N ASN A 87 25.78 2.87 -19.69
CA ASN A 87 26.23 4.04 -18.96
C ASN A 87 25.99 3.95 -17.45
N GLY A 88 25.47 2.81 -17.01
CA GLY A 88 25.20 2.57 -15.60
C GLY A 88 23.89 3.14 -15.09
N ASP A 89 23.06 3.65 -15.99
CA ASP A 89 21.77 4.23 -15.61
C ASP A 89 20.71 3.16 -15.41
N LEU A 90 19.77 3.47 -14.52
CA LEU A 90 18.67 2.58 -14.20
C LEU A 90 17.35 3.27 -14.56
N GLY A 91 17.41 4.48 -15.10
CA GLY A 91 16.18 5.19 -15.40
C GLY A 91 15.67 5.88 -14.14
N PRO A 92 14.59 6.67 -14.24
CA PRO A 92 14.05 7.39 -13.08
C PRO A 92 13.41 6.50 -12.00
N VAL A 93 14.24 5.67 -11.35
CA VAL A 93 13.77 4.78 -10.30
C VAL A 93 13.73 5.46 -8.95
N TYR A 94 13.71 4.68 -7.87
CA TYR A 94 13.63 5.18 -6.50
C TYR A 94 14.19 6.56 -6.18
N GLY A 95 15.51 6.71 -6.34
CA GLY A 95 16.16 7.97 -6.04
C GLY A 95 15.51 9.19 -6.62
N LYS A 96 15.15 9.11 -7.90
CA LYS A 96 14.54 10.21 -8.65
C LYS A 96 13.13 10.55 -8.18
N GLN A 97 12.30 9.54 -7.99
CA GLN A 97 10.94 9.78 -7.57
C GLN A 97 10.88 10.37 -6.17
N TRP A 98 11.76 9.91 -5.29
CA TRP A 98 11.81 10.38 -3.92
C TRP A 98 12.18 11.85 -3.81
N ARG A 99 13.16 12.28 -4.61
CA ARG A 99 13.66 13.66 -4.55
C ARG A 99 13.20 14.64 -5.62
N ALA A 100 12.68 14.12 -6.73
CA ALA A 100 12.25 14.99 -7.83
C ALA A 100 11.20 14.37 -8.74
N TRP A 101 10.01 14.13 -8.20
CA TRP A 101 8.91 13.57 -8.97
C TRP A 101 8.44 14.67 -9.91
N PRO A 102 8.56 14.44 -11.22
CA PRO A 102 8.14 15.42 -12.23
C PRO A 102 6.63 15.57 -12.40
N THR A 103 6.13 16.78 -12.16
CA THR A 103 4.72 17.09 -12.28
C THR A 103 4.40 17.40 -13.76
N PRO A 104 3.10 17.45 -14.11
CA PRO A 104 2.73 17.75 -15.50
C PRO A 104 3.07 19.20 -15.88
N ASP A 105 2.96 20.10 -14.91
CA ASP A 105 3.23 21.52 -15.14
C ASP A 105 4.69 21.99 -15.02
N GLY A 106 5.65 21.07 -15.22
CA GLY A 106 7.06 21.44 -15.15
C GLY A 106 7.74 21.52 -13.80
N ARG A 107 7.01 21.27 -12.72
CA ARG A 107 7.57 21.29 -11.38
C ARG A 107 8.19 19.93 -11.03
N HIS A 108 8.88 19.88 -9.91
CA HIS A 108 9.52 18.66 -9.42
C HIS A 108 9.31 18.68 -7.91
N ILE A 109 8.75 17.60 -7.37
CA ILE A 109 8.51 17.54 -5.94
C ILE A 109 9.48 16.66 -5.14
N ASP A 110 10.01 17.26 -4.07
CA ASP A 110 10.93 16.60 -3.18
C ASP A 110 10.06 15.99 -2.09
N GLN A 111 9.72 14.72 -2.26
CA GLN A 111 8.88 14.03 -1.30
C GLN A 111 9.56 13.86 0.07
N ILE A 112 10.86 13.59 0.07
CA ILE A 112 11.57 13.39 1.34
C ILE A 112 11.52 14.66 2.19
N THR A 113 11.81 15.80 1.58
CA THR A 113 11.77 17.07 2.30
C THR A 113 10.36 17.42 2.77
N THR A 114 9.37 17.24 1.90
CA THR A 114 8.00 17.56 2.31
C THR A 114 7.59 16.71 3.51
N VAL A 115 8.06 15.48 3.56
CA VAL A 115 7.74 14.60 4.70
C VAL A 115 8.40 15.09 5.99
N LEU A 116 9.65 15.52 5.87
CA LEU A 116 10.38 16.06 7.01
C LEU A 116 9.65 17.29 7.52
N ASN A 117 9.13 18.10 6.61
CA ASN A 117 8.40 19.29 7.02
C ASN A 117 7.06 18.94 7.65
N GLN A 118 6.43 17.88 7.15
CA GLN A 118 5.16 17.42 7.69
C GLN A 118 5.36 16.83 9.07
N LEU A 119 6.44 16.08 9.28
CA LEU A 119 6.69 15.50 10.59
C LEU A 119 6.98 16.56 11.64
N LYS A 120 7.61 17.65 11.19
CA LYS A 120 7.96 18.75 12.07
C LYS A 120 6.73 19.59 12.46
N ASN A 121 6.00 20.07 11.46
CA ASN A 121 4.85 20.95 11.67
C ASN A 121 3.44 20.36 11.73
N ASP A 122 3.23 19.19 11.15
CA ASP A 122 1.89 18.59 11.15
C ASP A 122 1.99 17.07 11.26
N PRO A 123 2.58 16.57 12.35
CA PRO A 123 2.76 15.14 12.59
C PRO A 123 1.47 14.33 12.65
N ASP A 124 0.34 15.03 12.86
CA ASP A 124 -0.95 14.34 12.93
C ASP A 124 -1.57 14.19 11.56
N SER A 125 -0.88 14.68 10.54
CA SER A 125 -1.37 14.57 9.17
C SER A 125 -1.48 13.12 8.78
N ARG A 126 -2.52 12.82 8.03
CA ARG A 126 -2.74 11.46 7.58
C ARG A 126 -2.30 11.35 6.13
N ARG A 127 -1.48 12.31 5.70
CA ARG A 127 -0.95 12.38 4.33
C ARG A 127 0.58 12.35 4.21
N ILE A 128 1.27 11.86 5.22
CA ILE A 128 2.73 11.79 5.21
C ILE A 128 3.16 10.54 4.43
N ILE A 129 3.14 10.68 3.11
CA ILE A 129 3.43 9.60 2.19
C ILE A 129 4.52 9.95 1.16
N VAL A 130 5.26 8.94 0.73
CA VAL A 130 6.28 9.05 -0.31
C VAL A 130 5.93 7.88 -1.22
N SER A 131 5.76 8.15 -2.51
CA SER A 131 5.45 7.12 -3.51
C SER A 131 6.45 7.10 -4.67
N ALA A 132 6.91 5.90 -5.01
CA ALA A 132 7.85 5.74 -6.10
C ALA A 132 7.14 5.23 -7.34
N TRP A 133 5.83 5.00 -7.19
CA TRP A 133 5.02 4.51 -8.29
C TRP A 133 4.55 5.61 -9.25
N ASN A 134 5.43 5.99 -10.17
CA ASN A 134 5.11 7.05 -11.12
C ASN A 134 4.67 6.45 -12.45
N VAL A 135 3.36 6.24 -12.55
CA VAL A 135 2.74 5.67 -13.73
C VAL A 135 3.29 6.26 -15.04
N GLY A 136 3.36 7.58 -15.11
CA GLY A 136 3.88 8.23 -16.29
C GLY A 136 5.32 7.92 -16.63
N GLU A 137 6.12 7.44 -15.69
CA GLU A 137 7.52 7.13 -15.99
C GLU A 137 7.96 5.68 -15.89
N LEU A 138 7.03 4.79 -15.57
CA LEU A 138 7.35 3.36 -15.43
C LEU A 138 8.08 2.78 -16.63
N ASP A 139 7.68 3.21 -17.83
CA ASP A 139 8.30 2.73 -19.05
C ASP A 139 9.76 3.14 -19.23
N LYS A 140 10.24 4.05 -18.39
CA LYS A 140 11.62 4.53 -18.47
C LYS A 140 12.49 3.90 -17.40
N MET A 141 11.89 3.12 -16.51
CA MET A 141 12.63 2.48 -15.44
C MET A 141 13.14 1.10 -15.79
N ALA A 142 14.36 0.78 -15.35
CA ALA A 142 14.98 -0.51 -15.61
C ALA A 142 14.16 -1.65 -15.00
N LEU A 143 13.56 -1.39 -13.85
CA LEU A 143 12.75 -2.35 -13.13
C LEU A 143 11.72 -1.53 -12.35
N ALA A 144 10.46 -1.95 -12.38
CA ALA A 144 9.41 -1.23 -11.64
C ALA A 144 9.63 -1.37 -10.14
N PRO A 145 9.41 -0.29 -9.38
CA PRO A 145 9.59 -0.27 -7.92
C PRO A 145 8.93 -1.43 -7.19
N CYS A 146 9.68 -2.09 -6.32
CA CYS A 146 9.14 -3.21 -5.52
C CYS A 146 8.58 -2.61 -4.25
N HIS A 147 9.43 -1.87 -3.54
CA HIS A 147 8.97 -1.14 -2.37
C HIS A 147 8.48 0.14 -3.03
N ALA A 148 7.18 0.15 -3.32
CA ALA A 148 6.51 1.22 -4.03
C ALA A 148 5.85 2.36 -3.31
N PHE A 149 5.45 2.17 -2.07
CA PHE A 149 4.71 3.22 -1.37
C PHE A 149 4.91 3.06 0.12
N PHE A 150 5.09 4.17 0.84
CA PHE A 150 5.27 4.14 2.30
C PHE A 150 4.69 5.35 3.03
N GLN A 151 4.17 5.13 4.22
CA GLN A 151 3.51 6.17 5.00
C GLN A 151 4.00 6.26 6.44
N PHE A 152 4.26 7.48 6.90
CA PHE A 152 4.72 7.73 8.27
C PHE A 152 3.55 8.07 9.21
N TYR A 153 3.75 7.86 10.50
CA TYR A 153 2.71 8.10 11.50
C TYR A 153 3.37 8.40 12.82
N VAL A 154 2.80 9.35 13.56
CA VAL A 154 3.35 9.74 14.85
C VAL A 154 2.33 9.53 15.93
N ALA A 155 2.80 9.06 17.08
CA ALA A 155 1.94 8.81 18.22
C ALA A 155 2.81 8.58 19.45
N ASP A 156 2.42 9.19 20.57
CA ASP A 156 3.14 9.04 21.82
C ASP A 156 4.61 9.41 21.70
N GLY A 157 4.92 10.33 20.80
CA GLY A 157 6.29 10.75 20.58
C GLY A 157 7.17 9.73 19.87
N LYS A 158 6.54 8.77 19.19
CA LYS A 158 7.25 7.72 18.46
C LYS A 158 6.88 7.76 17.00
N LEU A 159 7.89 7.56 16.15
CA LEU A 159 7.69 7.57 14.70
C LEU A 159 7.54 6.16 14.11
N SER A 160 6.41 5.90 13.46
CA SER A 160 6.17 4.61 12.84
C SER A 160 6.14 4.78 11.33
N CYS A 161 6.20 3.66 10.62
CA CYS A 161 6.20 3.69 9.17
C CYS A 161 5.68 2.39 8.59
N GLN A 162 4.83 2.50 7.58
CA GLN A 162 4.31 1.32 6.91
C GLN A 162 4.70 1.34 5.45
N LEU A 163 5.17 0.21 4.95
CA LEU A 163 5.60 0.07 3.56
C LEU A 163 4.75 -0.92 2.79
N TYR A 164 4.33 -0.54 1.59
CA TYR A 164 3.59 -1.47 0.76
C TYR A 164 4.56 -1.96 -0.31
N GLN A 165 4.89 -3.25 -0.24
CA GLN A 165 5.79 -3.81 -1.23
C GLN A 165 4.95 -4.66 -2.19
N ARG A 166 4.77 -4.16 -3.41
CA ARG A 166 3.96 -4.85 -4.41
C ARG A 166 4.49 -6.21 -4.84
N SER A 167 5.80 -6.40 -4.77
CA SER A 167 6.41 -7.66 -5.15
C SER A 167 7.56 -7.95 -4.19
N CYS A 168 7.59 -9.16 -3.65
CA CYS A 168 8.65 -9.50 -2.70
C CYS A 168 9.39 -10.81 -2.89
N ASP A 169 10.71 -10.69 -3.08
CA ASP A 169 11.57 -11.86 -3.22
C ASP A 169 11.94 -12.17 -1.77
N VAL A 170 11.16 -13.05 -1.16
CA VAL A 170 11.36 -13.39 0.24
C VAL A 170 12.78 -13.74 0.67
N PHE A 171 13.45 -14.59 -0.11
CA PHE A 171 14.80 -15.01 0.24
C PHE A 171 15.88 -13.95 0.09
N LEU A 172 16.00 -13.36 -1.09
CA LEU A 172 17.01 -12.33 -1.36
C LEU A 172 16.62 -10.89 -1.03
N GLY A 173 15.54 -10.40 -1.63
CA GLY A 173 15.20 -9.01 -1.38
C GLY A 173 14.71 -8.59 0.00
N LEU A 174 13.81 -9.37 0.58
CA LEU A 174 13.22 -9.00 1.86
C LEU A 174 14.15 -8.62 3.01
N PRO A 175 15.18 -9.45 3.30
CA PRO A 175 16.09 -9.12 4.41
C PRO A 175 16.73 -7.74 4.24
N PHE A 176 16.97 -7.37 2.99
CA PHE A 176 17.57 -6.09 2.66
C PHE A 176 16.56 -4.97 2.84
N ASN A 177 15.37 -5.18 2.29
CA ASN A 177 14.30 -4.18 2.36
C ASN A 177 13.85 -3.85 3.76
N ILE A 178 13.82 -4.87 4.62
CA ILE A 178 13.43 -4.62 6.00
C ILE A 178 14.50 -3.78 6.69
N ALA A 179 15.77 -4.15 6.54
CA ALA A 179 16.86 -3.40 7.16
C ALA A 179 16.96 -1.97 6.63
N SER A 180 16.76 -1.80 5.33
CA SER A 180 16.86 -0.47 4.70
C SER A 180 15.85 0.52 5.27
N TYR A 181 14.59 0.11 5.34
CA TYR A 181 13.53 0.96 5.85
C TYR A 181 13.59 1.23 7.34
N ALA A 182 14.15 0.29 8.09
CA ALA A 182 14.29 0.47 9.54
C ALA A 182 15.29 1.57 9.75
N LEU A 183 16.36 1.53 8.95
CA LEU A 183 17.43 2.50 9.03
C LEU A 183 16.90 3.90 8.74
N LEU A 184 16.00 3.99 7.78
CA LEU A 184 15.41 5.26 7.40
C LEU A 184 14.56 5.81 8.53
N VAL A 185 13.79 4.95 9.19
CA VAL A 185 12.95 5.41 10.29
C VAL A 185 13.85 6.01 11.38
N HIS A 186 14.97 5.34 11.65
CA HIS A 186 15.92 5.79 12.65
C HIS A 186 16.50 7.15 12.29
N MET A 187 16.74 7.36 11.00
CA MET A 187 17.30 8.60 10.52
C MET A 187 16.28 9.73 10.60
N MET A 188 15.04 9.43 10.27
CA MET A 188 13.96 10.42 10.33
C MET A 188 13.68 10.81 11.76
N ALA A 189 13.57 9.80 12.62
CA ALA A 189 13.31 10.02 14.03
C ALA A 189 14.37 10.91 14.66
N GLN A 190 15.63 10.70 14.29
CA GLN A 190 16.72 11.49 14.85
C GLN A 190 16.66 12.97 14.44
N GLN A 191 16.25 13.21 13.19
CA GLN A 191 16.14 14.57 12.66
C GLN A 191 14.94 15.31 13.24
N CYS A 192 13.89 14.58 13.61
CA CYS A 192 12.68 15.17 14.18
C CYS A 192 12.63 15.05 15.70
N ASP A 193 13.72 14.58 16.31
CA ASP A 193 13.78 14.41 17.75
C ASP A 193 12.65 13.52 18.28
N LEU A 194 12.36 12.45 17.54
CA LEU A 194 11.32 11.51 17.93
C LEU A 194 11.94 10.17 18.24
N GLU A 195 11.20 9.35 18.98
CA GLU A 195 11.66 8.00 19.32
C GLU A 195 11.20 7.08 18.20
N VAL A 196 11.88 5.95 18.00
CA VAL A 196 11.49 5.02 16.95
C VAL A 196 10.28 4.18 17.39
N GLY A 197 9.29 4.08 16.50
CA GLY A 197 8.09 3.30 16.78
C GLY A 197 8.12 1.96 16.07
N ASP A 198 7.04 1.66 15.35
CA ASP A 198 6.90 0.41 14.61
C ASP A 198 7.15 0.49 13.12
N PHE A 199 7.73 -0.57 12.55
CA PHE A 199 7.90 -0.65 11.10
C PHE A 199 6.92 -1.71 10.69
N VAL A 200 5.97 -1.34 9.84
CA VAL A 200 4.96 -2.28 9.39
C VAL A 200 5.23 -2.65 7.94
N TRP A 201 5.39 -3.93 7.67
CA TRP A 201 5.64 -4.37 6.30
C TRP A 201 4.39 -5.01 5.71
N THR A 202 3.99 -4.60 4.52
CA THR A 202 2.82 -5.17 3.86
C THR A 202 3.20 -5.60 2.45
N GLY A 203 2.82 -6.81 2.08
CA GLY A 203 3.16 -7.32 0.77
C GLY A 203 2.04 -7.69 -0.19
N GLY A 204 2.34 -7.50 -1.47
CA GLY A 204 1.42 -7.84 -2.51
C GLY A 204 1.73 -9.28 -2.86
N ASP A 205 2.46 -9.47 -3.97
CA ASP A 205 2.87 -10.80 -4.41
C ASP A 205 4.13 -11.15 -3.62
N THR A 206 3.95 -11.90 -2.54
CA THR A 206 5.06 -12.32 -1.69
C THR A 206 5.40 -13.73 -2.12
N HIS A 207 6.65 -13.91 -2.57
CA HIS A 207 7.08 -15.19 -3.13
C HIS A 207 8.50 -15.66 -2.87
N LEU A 208 8.68 -16.97 -3.09
CA LEU A 208 9.96 -17.66 -2.97
C LEU A 208 10.23 -18.27 -4.35
N TYR A 209 11.39 -17.96 -4.92
CA TYR A 209 11.71 -18.53 -6.23
C TYR A 209 11.97 -20.02 -6.09
N SER A 210 11.66 -20.77 -7.15
CA SER A 210 11.84 -22.22 -7.17
C SER A 210 13.30 -22.68 -6.95
N ASN A 211 14.27 -21.88 -7.39
CA ASN A 211 15.67 -22.24 -7.19
C ASN A 211 16.25 -21.70 -5.87
N HIS A 212 15.36 -21.47 -4.91
CA HIS A 212 15.73 -20.99 -3.57
C HIS A 212 15.17 -21.96 -2.53
N MET A 213 14.44 -22.99 -2.98
CA MET A 213 13.84 -23.94 -2.07
C MET A 213 14.78 -24.62 -1.08
N ASP A 214 15.91 -25.13 -1.55
CA ASP A 214 16.86 -25.81 -0.67
C ASP A 214 17.37 -24.85 0.39
N GLN A 215 17.82 -23.68 -0.06
CA GLN A 215 18.32 -22.63 0.81
C GLN A 215 17.29 -22.23 1.88
N THR A 216 16.02 -22.15 1.48
CA THR A 216 14.94 -21.79 2.38
C THR A 216 14.77 -22.77 3.53
N HIS A 217 14.78 -24.06 3.22
CA HIS A 217 14.64 -25.10 4.25
C HIS A 217 15.85 -25.16 5.16
N LEU A 218 17.02 -24.80 4.61
CA LEU A 218 18.24 -24.80 5.38
C LEU A 218 18.13 -23.68 6.41
N GLN A 219 17.70 -22.49 5.95
CA GLN A 219 17.56 -21.36 6.85
C GLN A 219 16.51 -21.60 7.93
N LEU A 220 15.38 -22.18 7.54
CA LEU A 220 14.30 -22.47 8.48
C LEU A 220 14.66 -23.38 9.63
N SER A 221 15.70 -24.20 9.45
CA SER A 221 16.13 -25.14 10.48
C SER A 221 16.99 -24.49 11.55
N ARG A 222 17.13 -23.17 11.46
CA ARG A 222 17.94 -22.42 12.42
C ARG A 222 17.15 -21.64 13.46
N GLU A 223 17.80 -21.39 14.60
CA GLU A 223 17.20 -20.61 15.68
C GLU A 223 17.68 -19.18 15.57
N PRO A 224 16.73 -18.22 15.56
CA PRO A 224 17.10 -16.82 15.46
C PRO A 224 17.94 -16.41 16.67
N ARG A 225 18.96 -15.60 16.42
CA ARG A 225 19.84 -15.10 17.47
C ARG A 225 19.18 -13.81 17.99
N PRO A 226 19.75 -13.18 19.03
CA PRO A 226 19.11 -11.95 19.52
C PRO A 226 19.44 -10.80 18.55
N LEU A 227 18.48 -9.92 18.34
CA LEU A 227 18.64 -8.78 17.43
C LEU A 227 19.78 -7.83 17.76
N PRO A 228 20.47 -7.33 16.73
CA PRO A 228 21.58 -6.39 16.89
C PRO A 228 21.04 -5.04 17.34
N LYS A 229 21.95 -4.11 17.64
CA LYS A 229 21.58 -2.76 18.10
C LYS A 229 22.17 -1.74 17.17
N LEU A 230 21.42 -0.69 16.86
CA LEU A 230 21.94 0.35 15.98
C LEU A 230 22.35 1.58 16.76
N ILE A 231 23.59 2.01 16.55
CA ILE A 231 24.12 3.20 17.20
C ILE A 231 24.56 4.21 16.15
N ILE A 232 24.00 5.41 16.24
CA ILE A 232 24.34 6.51 15.34
C ILE A 232 25.25 7.41 16.14
N LYS A 233 26.46 7.63 15.66
CA LYS A 233 27.43 8.44 16.37
C LYS A 233 27.39 9.95 16.17
N ARG A 234 26.48 10.44 15.33
CA ARG A 234 26.41 11.88 15.06
C ARG A 234 25.03 12.30 14.60
N LYS A 235 24.69 13.57 14.80
CA LYS A 235 23.41 14.10 14.34
C LYS A 235 23.73 15.19 13.33
N PRO A 236 23.76 14.82 12.02
CA PRO A 236 24.06 15.70 10.90
C PRO A 236 23.05 16.84 10.80
N GLU A 237 23.40 17.89 10.05
CA GLU A 237 22.51 19.04 9.87
C GLU A 237 21.23 18.71 9.11
N SER A 238 21.28 17.70 8.23
CA SER A 238 20.10 17.31 7.46
C SER A 238 20.07 15.81 7.19
N ILE A 239 18.89 15.32 6.81
CA ILE A 239 18.69 13.92 6.52
C ILE A 239 19.53 13.49 5.32
N PHE A 240 20.10 14.47 4.62
CA PHE A 240 20.91 14.19 3.43
C PHE A 240 22.41 14.22 3.69
N ASP A 241 22.81 14.55 4.92
CA ASP A 241 24.21 14.64 5.27
C ASP A 241 24.84 13.47 6.01
N TYR A 242 24.17 12.34 6.05
CA TYR A 242 24.70 11.18 6.74
C TYR A 242 25.81 10.50 5.95
N ARG A 243 26.76 9.93 6.68
CA ARG A 243 27.86 9.21 6.06
C ARG A 243 27.80 7.76 6.51
N PHE A 244 28.53 6.89 5.81
CA PHE A 244 28.55 5.49 6.14
C PHE A 244 29.06 5.31 7.57
N GLU A 245 30.14 6.03 7.89
CA GLU A 245 30.78 5.98 9.20
C GLU A 245 29.93 6.40 10.41
N ASP A 246 28.81 7.07 10.19
CA ASP A 246 27.97 7.50 11.30
C ASP A 246 27.19 6.35 11.92
N PHE A 247 27.15 5.22 11.23
CA PHE A 247 26.41 4.06 11.71
C PHE A 247 27.30 2.98 12.31
N GLU A 248 26.80 2.36 13.36
CA GLU A 248 27.52 1.32 14.06
C GLU A 248 26.52 0.25 14.47
N ILE A 249 26.79 -0.98 14.06
CA ILE A 249 25.92 -2.09 14.40
C ILE A 249 26.68 -2.94 15.42
N GLU A 250 26.07 -3.14 16.59
CA GLU A 250 26.71 -3.92 17.64
C GLU A 250 25.86 -5.08 18.09
N GLY A 251 26.51 -6.19 18.41
CA GLY A 251 25.82 -7.39 18.87
C GLY A 251 25.28 -8.26 17.74
N TYR A 252 25.90 -8.16 16.57
CA TYR A 252 25.46 -8.95 15.43
C TYR A 252 26.30 -10.22 15.32
N ASP A 253 25.68 -11.34 15.68
CA ASP A 253 26.31 -12.67 15.65
C ASP A 253 25.35 -13.61 14.90
N PRO A 254 25.39 -13.57 13.56
CA PRO A 254 24.52 -14.40 12.72
C PRO A 254 25.05 -15.78 12.38
N HIS A 255 24.13 -16.63 11.94
CA HIS A 255 24.45 -17.98 11.50
C HIS A 255 25.20 -17.75 10.19
N PRO A 256 25.84 -18.79 9.63
CA PRO A 256 26.57 -18.58 8.38
C PRO A 256 25.70 -18.17 7.17
N GLY A 257 26.36 -17.57 6.18
CA GLY A 257 25.68 -17.14 4.97
C GLY A 257 25.22 -18.28 4.09
N ILE A 258 24.21 -18.00 3.25
CA ILE A 258 23.62 -18.96 2.32
C ILE A 258 23.56 -18.28 0.94
N LYS A 259 24.21 -18.88 -0.04
CA LYS A 259 24.22 -18.32 -1.40
C LYS A 259 23.04 -18.77 -2.25
N ALA A 260 22.53 -17.85 -3.07
CA ALA A 260 21.40 -18.13 -3.95
C ALA A 260 21.43 -17.20 -5.15
N PRO A 261 21.03 -17.71 -6.32
CA PRO A 261 21.01 -16.94 -7.56
C PRO A 261 19.87 -15.92 -7.65
N VAL A 262 20.17 -14.74 -8.20
CA VAL A 262 19.19 -13.69 -8.36
C VAL A 262 18.50 -13.83 -9.71
N ALA A 263 17.18 -13.69 -9.72
CA ALA A 263 16.39 -13.77 -10.95
C ALA A 263 16.41 -12.39 -11.61
N ILE A 264 16.97 -12.31 -12.81
CA ILE A 264 17.06 -11.04 -13.54
C ILE A 264 15.79 -10.68 -14.31
N LYS B 2 -17.87 -9.90 10.96
CA LYS B 2 -16.91 -10.38 11.97
C LYS B 2 -15.61 -9.57 12.08
N GLN B 3 -14.83 -9.55 11.01
CA GLN B 3 -13.54 -8.84 10.99
C GLN B 3 -13.68 -7.31 11.08
N TYR B 4 -14.79 -6.76 10.58
CA TYR B 4 -15.05 -5.33 10.64
C TYR B 4 -15.32 -4.94 12.10
N LEU B 5 -16.18 -5.70 12.75
CA LEU B 5 -16.52 -5.45 14.15
C LEU B 5 -15.29 -5.65 15.03
N GLU B 6 -14.40 -6.57 14.64
CA GLU B 6 -13.19 -6.82 15.41
C GLU B 6 -12.25 -5.62 15.36
N LEU B 7 -12.17 -4.98 14.19
CA LEU B 7 -11.32 -3.81 14.02
C LEU B 7 -11.90 -2.66 14.80
N MET B 8 -13.22 -2.54 14.72
CA MET B 8 -13.98 -1.50 15.40
C MET B 8 -13.65 -1.49 16.90
N GLN B 9 -13.56 -2.70 17.45
CA GLN B 9 -13.22 -2.88 18.85
C GLN B 9 -11.74 -2.61 19.15
N LYS B 10 -10.85 -3.00 18.23
CA LYS B 10 -9.41 -2.82 18.36
C LYS B 10 -9.03 -1.34 18.48
N VAL B 11 -9.74 -0.52 17.71
CA VAL B 11 -9.53 0.93 17.72
C VAL B 11 -9.89 1.47 19.11
N LEU B 12 -11.03 1.02 19.64
CA LEU B 12 -11.50 1.45 20.97
C LEU B 12 -10.52 1.08 22.06
N ASP B 13 -10.04 -0.17 22.03
CA ASP B 13 -9.12 -0.68 23.04
C ASP B 13 -7.71 -0.17 22.95
N GLU B 14 -7.22 0.05 21.73
CA GLU B 14 -5.84 0.48 21.50
C GLU B 14 -5.63 1.86 20.91
N GLY B 15 -6.70 2.53 20.50
CA GLY B 15 -6.55 3.85 19.90
C GLY B 15 -5.85 4.94 20.69
N THR B 16 -5.17 5.82 19.97
CA THR B 16 -4.48 6.97 20.56
C THR B 16 -5.32 8.21 20.25
N GLN B 17 -5.47 9.09 21.23
CA GLN B 17 -6.23 10.32 21.00
C GLN B 17 -5.41 11.25 20.11
N LYS B 18 -5.94 11.59 18.94
CA LYS B 18 -5.25 12.49 18.03
C LYS B 18 -6.12 13.68 17.65
N ASN B 19 -5.52 14.85 17.56
CA ASN B 19 -6.24 16.04 17.13
C ASN B 19 -5.98 16.03 15.63
N ASP B 20 -7.04 15.86 14.85
CA ASP B 20 -6.91 15.80 13.40
C ASP B 20 -7.24 17.07 12.62
N ARG B 21 -6.99 17.01 11.31
CA ARG B 21 -7.23 18.08 10.36
C ARG B 21 -8.56 18.80 10.59
N THR B 22 -9.62 18.02 10.83
CA THR B 22 -10.97 18.55 11.04
C THR B 22 -11.16 19.18 12.41
N GLY B 23 -10.25 18.89 13.33
CA GLY B 23 -10.35 19.44 14.67
C GLY B 23 -11.43 18.74 15.49
N THR B 24 -11.91 17.60 14.99
CA THR B 24 -12.95 16.83 15.67
C THR B 24 -12.40 15.91 16.76
N GLY B 25 -11.24 15.31 16.50
CA GLY B 25 -10.64 14.40 17.46
C GLY B 25 -10.92 12.94 17.10
N THR B 26 -9.87 12.13 17.05
CA THR B 26 -10.03 10.73 16.72
C THR B 26 -9.31 9.82 17.68
N LEU B 27 -9.62 8.53 17.53
CA LEU B 27 -9.03 7.47 18.31
C LEU B 27 -8.48 6.67 17.13
N SER B 28 -7.17 6.57 17.02
CA SER B 28 -6.62 5.85 15.89
C SER B 28 -5.48 4.87 16.13
N ILE B 29 -5.38 3.91 15.20
CA ILE B 29 -4.32 2.92 15.19
C ILE B 29 -3.68 3.05 13.81
N PHE B 30 -2.45 2.55 13.69
CA PHE B 30 -1.71 2.60 12.44
C PHE B 30 -1.29 1.21 12.01
N GLY B 31 -1.76 0.81 10.84
CA GLY B 31 -1.42 -0.50 10.32
C GLY B 31 -2.37 -1.60 10.73
N HIS B 32 -3.14 -2.07 9.75
CA HIS B 32 -4.09 -3.13 9.98
C HIS B 32 -4.40 -3.82 8.64
N GLN B 33 -4.73 -5.11 8.67
CA GLN B 33 -5.05 -5.84 7.44
C GLN B 33 -6.25 -6.77 7.66
N MET B 34 -7.10 -6.89 6.65
CA MET B 34 -8.26 -7.78 6.69
C MET B 34 -8.34 -8.48 5.34
N ARG B 35 -8.95 -9.65 5.30
CA ARG B 35 -9.08 -10.40 4.07
C ARG B 35 -10.53 -10.84 3.97
N PHE B 36 -11.04 -10.85 2.75
CA PHE B 36 -12.42 -11.25 2.52
C PHE B 36 -12.54 -12.21 1.35
N ASN B 37 -12.81 -13.48 1.66
CA ASN B 37 -12.96 -14.48 0.62
C ASN B 37 -14.29 -14.11 -0.02
N LEU B 38 -14.24 -13.64 -1.26
CA LEU B 38 -15.44 -13.23 -1.95
C LEU B 38 -16.34 -14.39 -2.32
N GLN B 39 -15.79 -15.60 -2.29
CA GLN B 39 -16.54 -16.81 -2.60
C GLN B 39 -17.55 -17.03 -1.47
N ASP B 40 -17.16 -16.61 -0.25
CA ASP B 40 -18.01 -16.74 0.94
C ASP B 40 -19.16 -15.75 0.98
N GLY B 41 -19.23 -14.84 0.02
CA GLY B 41 -20.31 -13.88 -0.01
C GLY B 41 -19.83 -12.45 -0.19
N PHE B 42 -20.75 -11.55 -0.50
CA PHE B 42 -20.43 -10.15 -0.70
C PHE B 42 -20.23 -9.49 0.66
N PRO B 43 -19.11 -8.79 0.84
CA PRO B 43 -18.85 -8.14 2.13
C PRO B 43 -19.55 -6.80 2.38
N LEU B 44 -20.88 -6.82 2.39
CA LEU B 44 -21.68 -5.62 2.66
C LEU B 44 -22.14 -5.73 4.12
N VAL B 45 -21.70 -4.80 4.96
CA VAL B 45 -22.03 -4.82 6.40
C VAL B 45 -23.51 -5.06 6.69
N THR B 46 -23.78 -5.96 7.64
CA THR B 46 -25.15 -6.29 8.03
C THR B 46 -25.54 -5.75 9.40
N THR B 47 -24.54 -5.39 10.22
CA THR B 47 -24.79 -4.83 11.55
C THR B 47 -25.41 -3.44 11.50
N LYS B 48 -25.64 -2.94 10.28
CA LYS B 48 -26.28 -1.65 10.04
C LYS B 48 -26.63 -1.62 8.56
N ARG B 49 -27.72 -0.95 8.21
CA ARG B 49 -28.13 -0.89 6.81
C ARG B 49 -27.32 0.07 5.95
N CYS B 50 -26.76 -0.47 4.87
CA CYS B 50 -25.97 0.31 3.92
C CYS B 50 -26.80 0.49 2.66
N HIS B 51 -26.43 1.46 1.84
CA HIS B 51 -27.23 1.73 0.67
C HIS B 51 -26.46 1.71 -0.67
N LEU B 52 -26.64 0.59 -1.36
CA LEU B 52 -26.00 0.30 -2.63
C LEU B 52 -25.93 1.36 -3.71
N ARG B 53 -27.02 2.10 -3.91
CA ARG B 53 -27.03 3.11 -4.98
C ARG B 53 -25.90 4.15 -4.88
N SER B 54 -25.50 4.47 -3.65
CA SER B 54 -24.42 5.42 -3.43
C SER B 54 -23.07 4.79 -3.79
N ILE B 55 -22.93 3.53 -3.40
CA ILE B 55 -21.72 2.77 -3.65
C ILE B 55 -21.52 2.45 -5.12
N ILE B 56 -22.60 2.03 -5.78
CA ILE B 56 -22.57 1.66 -7.20
C ILE B 56 -22.34 2.82 -8.14
N HIS B 57 -23.10 3.89 -7.98
CA HIS B 57 -22.97 5.06 -8.84
C HIS B 57 -21.60 5.73 -8.73
N GLU B 58 -21.06 5.77 -7.51
CA GLU B 58 -19.76 6.37 -7.30
C GLU B 58 -18.71 5.59 -8.09
N LEU B 59 -18.82 4.26 -8.05
CA LEU B 59 -17.89 3.37 -8.75
C LEU B 59 -18.00 3.50 -10.27
N LEU B 60 -19.23 3.64 -10.77
CA LEU B 60 -19.46 3.80 -12.21
C LEU B 60 -18.98 5.17 -12.62
N TRP B 61 -19.12 6.11 -11.68
CA TRP B 61 -18.71 7.49 -11.83
C TRP B 61 -17.18 7.51 -11.98
N PHE B 62 -16.52 6.69 -11.18
CA PHE B 62 -15.07 6.57 -11.21
C PHE B 62 -14.63 6.06 -12.59
N LEU B 63 -15.09 4.86 -12.93
CA LEU B 63 -14.76 4.21 -14.20
C LEU B 63 -15.00 5.07 -15.43
N GLN B 64 -15.86 6.07 -15.30
CA GLN B 64 -16.15 6.98 -16.41
C GLN B 64 -15.03 8.01 -16.57
N GLY B 65 -14.28 8.24 -15.49
CA GLY B 65 -13.21 9.22 -15.50
C GLY B 65 -13.77 10.60 -15.18
N ASP B 66 -14.90 10.61 -14.51
CA ASP B 66 -15.60 11.84 -14.16
C ASP B 66 -15.13 12.33 -12.79
N THR B 67 -14.97 13.64 -12.63
CA THR B 67 -14.54 14.22 -11.34
C THR B 67 -15.49 15.35 -10.90
N ASN B 68 -16.64 15.43 -11.58
CA ASN B 68 -17.67 16.43 -11.29
C ASN B 68 -18.90 15.70 -10.75
N ILE B 69 -19.46 16.20 -9.66
CA ILE B 69 -20.63 15.59 -9.01
C ILE B 69 -21.96 15.66 -9.77
N ALA B 70 -21.96 16.26 -10.97
CA ALA B 70 -23.16 16.38 -11.78
C ALA B 70 -23.80 15.00 -11.93
N TYR B 71 -23.04 14.04 -12.47
CA TYR B 71 -23.53 12.68 -12.66
C TYR B 71 -24.15 12.12 -11.37
N LEU B 72 -23.44 12.28 -10.26
CA LEU B 72 -23.91 11.79 -8.96
C LEU B 72 -25.22 12.44 -8.57
N HIS B 73 -25.44 13.66 -9.04
CA HIS B 73 -26.68 14.37 -8.72
C HIS B 73 -27.88 13.87 -9.54
N GLU B 74 -27.69 13.68 -10.85
CA GLU B 74 -28.77 13.17 -11.70
C GLU B 74 -29.29 11.91 -11.03
N ASN B 75 -28.40 11.19 -10.36
CA ASN B 75 -28.75 9.94 -9.70
C ASN B 75 -29.04 9.98 -8.20
N ASN B 76 -29.19 11.18 -7.65
CA ASN B 76 -29.49 11.33 -6.22
C ASN B 76 -28.40 10.93 -5.22
N VAL B 77 -27.14 10.97 -5.63
CA VAL B 77 -26.04 10.63 -4.74
C VAL B 77 -25.41 11.94 -4.29
N THR B 78 -25.45 12.19 -2.98
CA THR B 78 -24.95 13.43 -2.39
C THR B 78 -23.65 13.34 -1.57
N ILE B 79 -23.04 12.17 -1.51
CA ILE B 79 -21.81 11.94 -0.75
C ILE B 79 -20.62 12.87 -0.96
N TRP B 80 -20.48 13.46 -2.16
CA TRP B 80 -19.36 14.34 -2.44
C TRP B 80 -19.70 15.82 -2.52
N ASP B 81 -20.79 16.22 -1.88
CA ASP B 81 -21.22 17.61 -1.93
C ASP B 81 -20.36 18.60 -1.11
N GLU B 82 -19.98 18.21 0.10
CA GLU B 82 -19.19 19.07 0.99
C GLU B 82 -17.75 19.38 0.58
N TRP B 83 -17.29 18.83 -0.54
CA TRP B 83 -15.92 19.06 -1.00
C TRP B 83 -15.87 19.57 -2.44
N ALA B 84 -17.02 19.58 -3.10
CA ALA B 84 -17.10 20.05 -4.48
C ALA B 84 -17.12 21.56 -4.49
N ASP B 85 -16.48 22.16 -5.51
CA ASP B 85 -16.46 23.60 -5.62
C ASP B 85 -17.81 24.17 -6.10
N GLU B 86 -17.81 25.47 -6.33
CA GLU B 86 -18.98 26.20 -6.80
C GLU B 86 -19.61 25.57 -8.05
N ASN B 87 -18.76 25.01 -8.91
CA ASN B 87 -19.20 24.38 -10.16
C ASN B 87 -19.40 22.87 -10.06
N GLY B 88 -19.22 22.32 -8.86
CA GLY B 88 -19.39 20.89 -8.67
C GLY B 88 -18.13 20.05 -8.87
N ASP B 89 -17.03 20.68 -9.25
CA ASP B 89 -15.76 20.00 -9.46
C ASP B 89 -15.05 19.63 -8.16
N LEU B 90 -14.27 18.56 -8.22
CA LEU B 90 -13.49 18.08 -7.07
C LEU B 90 -12.00 18.09 -7.39
N GLY B 91 -11.67 18.37 -8.66
CA GLY B 91 -10.28 18.39 -9.08
C GLY B 91 -9.93 17.06 -9.71
N PRO B 92 -8.66 16.82 -10.06
CA PRO B 92 -8.25 15.55 -10.68
C PRO B 92 -8.17 14.38 -9.70
N VAL B 93 -9.30 14.05 -9.07
CA VAL B 93 -9.36 12.97 -8.09
C VAL B 93 -9.44 11.60 -8.74
N TYR B 94 -9.80 10.59 -7.93
CA TYR B 94 -9.89 9.21 -8.36
C TYR B 94 -10.17 8.93 -9.84
N GLY B 95 -11.32 9.39 -10.33
CA GLY B 95 -11.69 9.16 -11.71
C GLY B 95 -10.68 9.60 -12.75
N LYS B 96 -10.19 10.83 -12.61
CA LYS B 96 -9.21 11.37 -13.57
C LYS B 96 -7.95 10.52 -13.57
N GLN B 97 -7.47 10.17 -12.37
CA GLN B 97 -6.26 9.36 -12.24
C GLN B 97 -6.37 7.94 -12.75
N TRP B 98 -7.55 7.34 -12.64
CA TRP B 98 -7.77 5.96 -13.08
C TRP B 98 -7.80 5.87 -14.59
N ARG B 99 -8.41 6.87 -15.22
CA ARG B 99 -8.58 6.88 -16.67
C ARG B 99 -7.62 7.77 -17.45
N ALA B 100 -7.15 8.85 -16.85
CA ALA B 100 -6.26 9.74 -17.59
C ALA B 100 -5.15 10.35 -16.75
N TRP B 101 -4.19 9.52 -16.36
CA TRP B 101 -3.05 9.97 -15.57
C TRP B 101 -2.16 10.75 -16.52
N PRO B 102 -2.05 12.08 -16.30
CA PRO B 102 -1.23 12.93 -17.15
C PRO B 102 0.28 12.72 -16.98
N THR B 103 0.95 12.38 -18.08
CA THR B 103 2.38 12.17 -18.08
C THR B 103 3.04 13.55 -18.07
N PRO B 104 4.36 13.61 -17.77
CA PRO B 104 5.06 14.91 -17.73
C PRO B 104 5.06 15.62 -19.08
N ASP B 105 5.04 14.84 -20.16
CA ASP B 105 5.08 15.35 -21.53
C ASP B 105 3.77 15.60 -22.27
N GLY B 106 2.63 15.56 -21.55
CA GLY B 106 1.36 15.83 -22.21
C GLY B 106 0.46 14.66 -22.57
N ARG B 107 0.98 13.44 -22.51
CA ARG B 107 0.20 12.24 -22.81
C ARG B 107 -0.67 11.83 -21.62
N HIS B 108 -1.52 10.83 -21.83
CA HIS B 108 -2.38 10.34 -20.77
C HIS B 108 -2.35 8.83 -20.76
N ILE B 109 -2.33 8.26 -19.55
CA ILE B 109 -2.30 6.82 -19.36
C ILE B 109 -3.65 6.35 -18.79
N ASP B 110 -4.20 5.30 -19.38
CA ASP B 110 -5.48 4.74 -18.92
C ASP B 110 -5.19 3.49 -18.11
N GLN B 111 -5.11 3.66 -16.80
CA GLN B 111 -4.77 2.56 -15.91
C GLN B 111 -5.72 1.39 -15.90
N ILE B 112 -7.01 1.66 -16.13
CA ILE B 112 -8.00 0.60 -16.15
C ILE B 112 -7.86 -0.25 -17.41
N THR B 113 -7.70 0.38 -18.56
CA THR B 113 -7.51 -0.36 -19.79
C THR B 113 -6.21 -1.16 -19.68
N THR B 114 -5.17 -0.53 -19.13
CA THR B 114 -3.89 -1.20 -18.93
C THR B 114 -4.12 -2.44 -18.11
N VAL B 115 -4.79 -2.28 -16.98
CA VAL B 115 -5.07 -3.41 -16.09
C VAL B 115 -5.82 -4.54 -16.83
N LEU B 116 -6.91 -4.20 -17.50
CA LEU B 116 -7.70 -5.18 -18.26
C LEU B 116 -6.82 -6.00 -19.19
N ASN B 117 -6.00 -5.32 -19.98
CA ASN B 117 -5.10 -5.97 -20.94
C ASN B 117 -4.11 -6.88 -20.25
N GLN B 118 -3.61 -6.46 -19.09
CA GLN B 118 -2.69 -7.25 -18.31
C GLN B 118 -3.38 -8.53 -17.82
N LEU B 119 -4.60 -8.40 -17.27
CA LEU B 119 -5.34 -9.59 -16.80
C LEU B 119 -5.64 -10.58 -17.91
N LYS B 120 -5.72 -10.08 -19.13
CA LYS B 120 -5.99 -10.93 -20.27
C LYS B 120 -4.75 -11.47 -20.98
N ASN B 121 -3.69 -10.69 -21.03
CA ASN B 121 -2.48 -11.12 -21.73
C ASN B 121 -1.30 -11.53 -20.85
N ASP B 122 -1.27 -11.07 -19.61
CA ASP B 122 -0.17 -11.41 -18.72
C ASP B 122 -0.69 -11.43 -17.28
N PRO B 123 -1.52 -12.45 -16.97
CA PRO B 123 -2.09 -12.58 -15.63
C PRO B 123 -1.12 -12.88 -14.49
N ASP B 124 0.07 -13.37 -14.82
CA ASP B 124 1.05 -13.70 -13.78
C ASP B 124 1.77 -12.43 -13.32
N SER B 125 1.66 -11.36 -14.10
CA SER B 125 2.33 -10.11 -13.79
C SER B 125 2.16 -9.61 -12.36
N ARG B 126 3.27 -9.14 -11.79
CA ARG B 126 3.28 -8.63 -10.43
C ARG B 126 3.18 -7.10 -10.43
N ARG B 127 2.84 -6.53 -11.58
CA ARG B 127 2.73 -5.09 -11.75
C ARG B 127 1.33 -4.61 -12.11
N ILE B 128 0.31 -5.45 -11.89
CA ILE B 128 -1.08 -5.08 -12.21
C ILE B 128 -1.63 -4.16 -11.11
N ILE B 129 -1.27 -2.90 -11.25
CA ILE B 129 -1.59 -1.88 -10.27
C ILE B 129 -2.28 -0.64 -10.84
N VAL B 130 -3.07 0.00 -9.97
CA VAL B 130 -3.77 1.22 -10.27
C VAL B 130 -3.47 2.15 -9.11
N SER B 131 -2.92 3.31 -9.42
CA SER B 131 -2.60 4.27 -8.39
C SER B 131 -3.32 5.58 -8.60
N ALA B 132 -3.85 6.13 -7.50
CA ALA B 132 -4.54 7.40 -7.55
C ALA B 132 -3.61 8.44 -6.95
N TRP B 133 -2.56 7.99 -6.28
CA TRP B 133 -1.62 8.90 -5.64
C TRP B 133 -0.64 9.56 -6.59
N ASN B 134 -1.15 10.53 -7.35
CA ASN B 134 -0.34 11.29 -8.29
C ASN B 134 0.16 12.49 -7.47
N VAL B 135 1.45 12.45 -7.13
CA VAL B 135 2.08 13.49 -6.33
C VAL B 135 2.05 14.89 -7.00
N GLY B 136 2.15 14.92 -8.32
CA GLY B 136 2.12 16.17 -9.06
C GLY B 136 0.81 16.93 -9.07
N GLU B 137 -0.29 16.25 -8.74
CA GLU B 137 -1.61 16.89 -8.74
C GLU B 137 -2.32 16.88 -7.40
N LEU B 138 -1.61 16.50 -6.35
CA LEU B 138 -2.17 16.42 -5.01
C LEU B 138 -2.78 17.75 -4.54
N ASP B 139 -2.08 18.84 -4.80
CA ASP B 139 -2.53 20.17 -4.38
C ASP B 139 -3.76 20.67 -5.13
N LYS B 140 -4.08 20.03 -6.26
CA LYS B 140 -5.21 20.42 -7.07
C LYS B 140 -6.47 19.59 -6.79
N MET B 141 -6.38 18.70 -5.80
CA MET B 141 -7.52 17.87 -5.41
C MET B 141 -8.24 18.44 -4.18
N ALA B 142 -9.57 18.38 -4.19
CA ALA B 142 -10.39 18.88 -3.09
C ALA B 142 -10.12 18.13 -1.78
N LEU B 143 -9.65 16.89 -1.92
CA LEU B 143 -9.33 16.03 -0.79
C LEU B 143 -8.42 14.94 -1.36
N ALA B 144 -7.31 14.69 -0.68
CA ALA B 144 -6.36 13.67 -1.11
C ALA B 144 -7.03 12.29 -1.06
N PRO B 145 -6.71 11.41 -2.04
CA PRO B 145 -7.28 10.08 -2.13
C PRO B 145 -7.08 9.29 -0.86
N CYS B 146 -8.14 8.70 -0.31
CA CYS B 146 -8.05 7.87 0.89
C CYS B 146 -7.71 6.45 0.45
N HIS B 147 -8.51 5.91 -0.48
CA HIS B 147 -8.22 4.60 -1.03
C HIS B 147 -7.31 4.99 -2.21
N ALA B 148 -6.00 4.94 -1.96
CA ALA B 148 -4.99 5.39 -2.94
C ALA B 148 -4.24 4.42 -3.82
N PHE B 149 -4.21 3.13 -3.45
CA PHE B 149 -3.40 2.20 -4.22
C PHE B 149 -3.99 0.80 -4.19
N PHE B 150 -4.17 0.18 -5.36
CA PHE B 150 -4.65 -1.19 -5.42
C PHE B 150 -3.98 -2.06 -6.47
N GLN B 151 -3.82 -3.32 -6.11
CA GLN B 151 -3.15 -4.29 -6.96
C GLN B 151 -3.95 -5.56 -7.15
N PHE B 152 -4.03 -6.04 -8.38
CA PHE B 152 -4.75 -7.26 -8.68
C PHE B 152 -3.79 -8.44 -8.71
N TYR B 153 -4.32 -9.64 -8.56
CA TYR B 153 -3.52 -10.86 -8.52
C TYR B 153 -4.34 -12.03 -9.04
N VAL B 154 -3.69 -12.88 -9.85
CA VAL B 154 -4.36 -14.04 -10.43
C VAL B 154 -3.59 -15.34 -10.14
N ALA B 155 -4.30 -16.31 -9.58
CA ALA B 155 -3.75 -17.62 -9.24
C ALA B 155 -4.89 -18.62 -9.21
N ASP B 156 -4.68 -19.78 -9.86
CA ASP B 156 -5.68 -20.84 -9.93
C ASP B 156 -6.98 -20.34 -10.57
N GLY B 157 -6.86 -19.45 -11.54
CA GLY B 157 -8.04 -18.90 -12.21
C GLY B 157 -8.91 -17.98 -11.35
N LYS B 158 -8.37 -17.51 -10.22
CA LYS B 158 -9.10 -16.61 -9.33
C LYS B 158 -8.48 -15.22 -9.26
N LEU B 159 -9.34 -14.21 -9.23
CA LEU B 159 -8.89 -12.83 -9.19
C LEU B 159 -9.00 -12.23 -7.79
N SER B 160 -7.86 -11.86 -7.22
CA SER B 160 -7.82 -11.23 -5.90
C SER B 160 -7.50 -9.75 -6.11
N CYS B 161 -7.52 -8.98 -5.03
CA CYS B 161 -7.23 -7.56 -5.10
C CYS B 161 -6.90 -7.03 -3.73
N GLN B 162 -5.82 -6.28 -3.64
CA GLN B 162 -5.41 -5.67 -2.37
C GLN B 162 -5.40 -4.15 -2.49
N LEU B 163 -6.12 -3.51 -1.58
CA LEU B 163 -6.18 -2.06 -1.56
C LEU B 163 -5.40 -1.49 -0.41
N TYR B 164 -4.75 -0.35 -0.64
CA TYR B 164 -4.03 0.32 0.44
C TYR B 164 -4.78 1.60 0.70
N GLN B 165 -5.34 1.71 1.90
CA GLN B 165 -6.08 2.90 2.27
C GLN B 165 -5.26 3.63 3.33
N ARG B 166 -4.72 4.78 2.95
CA ARG B 166 -3.89 5.59 3.85
C ARG B 166 -4.64 6.19 5.04
N SER B 167 -5.90 6.53 4.84
CA SER B 167 -6.70 7.13 5.90
C SER B 167 -8.10 6.54 5.88
N CYS B 168 -8.56 6.08 7.04
CA CYS B 168 -9.85 5.42 7.11
C CYS B 168 -10.78 5.79 8.26
N ASP B 169 -11.99 6.20 7.87
CA ASP B 169 -13.08 6.55 8.79
C ASP B 169 -13.77 5.20 9.01
N VAL B 170 -13.41 4.52 10.09
CA VAL B 170 -13.95 3.20 10.40
C VAL B 170 -15.47 3.12 10.37
N PHE B 171 -16.15 4.11 10.97
CA PHE B 171 -17.61 4.07 11.00
C PHE B 171 -18.30 4.36 9.68
N LEU B 172 -18.00 5.53 9.10
CA LEU B 172 -18.61 5.94 7.84
C LEU B 172 -17.98 5.38 6.57
N GLY B 173 -16.74 5.78 6.29
CA GLY B 173 -16.06 5.34 5.08
C GLY B 173 -15.81 3.87 4.84
N LEU B 174 -15.27 3.16 5.83
CA LEU B 174 -14.93 1.75 5.68
C LEU B 174 -15.95 0.80 5.04
N PRO B 175 -17.18 0.73 5.57
CA PRO B 175 -18.18 -0.17 4.97
C PRO B 175 -18.35 0.11 3.48
N PHE B 176 -18.33 1.39 3.14
CA PHE B 176 -18.46 1.84 1.77
C PHE B 176 -17.34 1.31 0.88
N ASN B 177 -16.11 1.69 1.24
CA ASN B 177 -14.91 1.31 0.51
C ASN B 177 -14.79 -0.18 0.28
N ILE B 178 -15.04 -0.98 1.32
CA ILE B 178 -14.98 -2.42 1.19
C ILE B 178 -15.93 -2.93 0.10
N ALA B 179 -17.19 -2.54 0.17
CA ALA B 179 -18.17 -2.97 -0.82
C ALA B 179 -17.83 -2.48 -2.22
N SER B 180 -17.41 -1.22 -2.33
CA SER B 180 -17.06 -0.61 -3.62
C SER B 180 -16.00 -1.44 -4.36
N TYR B 181 -14.95 -1.83 -3.65
CA TYR B 181 -13.89 -2.60 -4.25
C TYR B 181 -14.26 -4.04 -4.52
N ALA B 182 -15.06 -4.63 -3.64
CA ALA B 182 -15.52 -6.02 -3.82
C ALA B 182 -16.29 -6.08 -5.13
N LEU B 183 -17.10 -5.05 -5.36
CA LEU B 183 -17.91 -4.91 -6.56
C LEU B 183 -17.06 -4.80 -7.82
N LEU B 184 -15.99 -3.99 -7.76
CA LEU B 184 -15.08 -3.82 -8.90
C LEU B 184 -14.42 -5.13 -9.29
N VAL B 185 -14.01 -5.89 -8.29
CA VAL B 185 -13.38 -7.19 -8.52
C VAL B 185 -14.35 -8.11 -9.27
N HIS B 186 -15.63 -8.06 -8.87
CA HIS B 186 -16.64 -8.89 -9.51
C HIS B 186 -16.83 -8.47 -10.95
N MET B 187 -16.73 -7.17 -11.19
CA MET B 187 -16.87 -6.63 -12.53
C MET B 187 -15.64 -6.97 -13.37
N MET B 188 -14.48 -6.98 -12.72
CA MET B 188 -13.22 -7.29 -13.37
C MET B 188 -13.15 -8.78 -13.71
N ALA B 189 -13.59 -9.61 -12.79
CA ALA B 189 -13.58 -11.05 -12.99
C ALA B 189 -14.53 -11.45 -14.10
N GLN B 190 -15.71 -10.82 -14.16
CA GLN B 190 -16.68 -11.15 -15.20
C GLN B 190 -16.16 -10.79 -16.59
N GLN B 191 -15.52 -9.63 -16.70
CA GLN B 191 -14.98 -9.18 -17.98
C GLN B 191 -13.72 -9.96 -18.38
N CYS B 192 -13.15 -10.73 -17.45
CA CYS B 192 -11.94 -11.51 -17.71
C CYS B 192 -12.14 -13.01 -17.58
N ASP B 193 -13.40 -13.44 -17.50
CA ASP B 193 -13.74 -14.85 -17.35
C ASP B 193 -12.87 -15.51 -16.31
N LEU B 194 -12.95 -14.98 -15.08
CA LEU B 194 -12.21 -15.47 -13.93
C LEU B 194 -13.14 -15.55 -12.74
N GLU B 195 -12.78 -16.38 -11.76
CA GLU B 195 -13.55 -16.53 -10.53
C GLU B 195 -13.03 -15.48 -9.56
N VAL B 196 -13.86 -15.09 -8.59
CA VAL B 196 -13.42 -14.09 -7.60
C VAL B 196 -12.58 -14.75 -6.52
N GLY B 197 -11.56 -14.04 -6.04
CA GLY B 197 -10.73 -14.59 -4.99
C GLY B 197 -10.93 -13.81 -3.71
N ASP B 198 -9.85 -13.28 -3.17
CA ASP B 198 -9.90 -12.51 -1.94
C ASP B 198 -9.80 -11.01 -2.18
N PHE B 199 -10.32 -10.26 -1.21
CA PHE B 199 -10.19 -8.82 -1.23
C PHE B 199 -9.45 -8.50 0.07
N VAL B 200 -8.18 -8.12 -0.08
CA VAL B 200 -7.34 -7.79 1.06
C VAL B 200 -7.38 -6.28 1.31
N TRP B 201 -7.77 -5.88 2.51
CA TRP B 201 -7.85 -4.45 2.86
C TRP B 201 -6.74 -4.13 3.83
N THR B 202 -5.90 -3.16 3.44
CA THR B 202 -4.78 -2.72 4.26
C THR B 202 -4.95 -1.24 4.50
N GLY B 203 -4.89 -0.82 5.76
CA GLY B 203 -5.07 0.58 6.07
C GLY B 203 -3.94 1.23 6.85
N GLY B 204 -3.81 2.54 6.66
CA GLY B 204 -2.79 3.30 7.34
C GLY B 204 -3.33 3.86 8.64
N ASP B 205 -3.70 5.14 8.63
CA ASP B 205 -4.26 5.79 9.81
C ASP B 205 -5.72 5.35 9.91
N THR B 206 -5.99 4.31 10.69
CA THR B 206 -7.35 3.79 10.86
C THR B 206 -7.95 4.39 12.13
N HIS B 207 -9.04 5.14 11.97
CA HIS B 207 -9.59 5.83 13.13
C HIS B 207 -11.08 5.81 13.30
N LEU B 208 -11.47 6.25 14.50
CA LEU B 208 -12.87 6.33 14.91
C LEU B 208 -13.06 7.74 15.42
N TYR B 209 -13.90 8.53 14.74
CA TYR B 209 -14.15 9.91 15.17
C TYR B 209 -14.86 9.95 16.52
N SER B 210 -14.39 10.86 17.39
CA SER B 210 -14.93 11.02 18.74
C SER B 210 -16.44 11.24 18.87
N ASN B 211 -17.06 11.78 17.84
CA ASN B 211 -18.51 11.98 17.87
C ASN B 211 -19.25 10.84 17.17
N HIS B 212 -18.65 9.66 17.18
CA HIS B 212 -19.23 8.47 16.60
C HIS B 212 -19.24 7.36 17.65
N MET B 213 -18.76 7.68 18.85
CA MET B 213 -18.65 6.73 19.96
C MET B 213 -19.93 5.99 20.32
N ASP B 214 -21.02 6.75 20.45
CA ASP B 214 -22.31 6.18 20.80
C ASP B 214 -22.80 5.23 19.72
N GLN B 215 -22.72 5.67 18.47
CA GLN B 215 -23.13 4.86 17.33
C GLN B 215 -22.27 3.60 17.24
N THR B 216 -20.99 3.74 17.56
CA THR B 216 -20.08 2.60 17.52
C THR B 216 -20.52 1.55 18.55
N HIS B 217 -20.71 2.00 19.81
CA HIS B 217 -21.15 1.12 20.89
C HIS B 217 -22.47 0.44 20.54
N LEU B 218 -23.34 1.19 19.86
CA LEU B 218 -24.63 0.65 19.45
C LEU B 218 -24.38 -0.48 18.46
N GLN B 219 -23.54 -0.23 17.46
CA GLN B 219 -23.22 -1.22 16.43
C GLN B 219 -22.50 -2.47 16.95
N LEU B 220 -21.64 -2.30 17.95
CA LEU B 220 -20.90 -3.43 18.54
C LEU B 220 -21.75 -4.46 19.29
N SER B 221 -22.99 -4.11 19.63
CA SER B 221 -23.86 -5.03 20.35
C SER B 221 -24.82 -5.80 19.45
N ARG B 222 -24.64 -5.70 18.13
CA ARG B 222 -25.52 -6.39 17.19
C ARG B 222 -24.79 -7.57 16.56
N GLU B 223 -25.48 -8.72 16.47
CA GLU B 223 -24.87 -9.91 15.89
C GLU B 223 -24.86 -9.85 14.37
N PRO B 224 -23.69 -10.11 13.75
CA PRO B 224 -23.62 -10.08 12.29
C PRO B 224 -24.41 -11.23 11.67
N ARG B 225 -25.00 -10.97 10.52
CA ARG B 225 -25.80 -11.97 9.81
C ARG B 225 -25.14 -12.47 8.53
N PRO B 226 -25.62 -13.61 8.00
CA PRO B 226 -25.03 -14.16 6.77
C PRO B 226 -24.91 -13.10 5.68
N LEU B 227 -23.76 -13.09 5.01
CA LEU B 227 -23.49 -12.13 3.96
C LEU B 227 -24.34 -12.41 2.74
N PRO B 228 -24.78 -11.36 2.05
CA PRO B 228 -25.60 -11.47 0.84
C PRO B 228 -24.81 -12.03 -0.34
N LYS B 229 -25.46 -12.10 -1.48
CA LYS B 229 -24.85 -12.62 -2.69
C LYS B 229 -25.09 -11.61 -3.80
N LEU B 230 -24.02 -11.24 -4.50
CA LEU B 230 -24.14 -10.28 -5.58
C LEU B 230 -24.45 -11.04 -6.87
N ILE B 231 -25.36 -10.48 -7.66
CA ILE B 231 -25.71 -11.10 -8.92
C ILE B 231 -25.64 -10.04 -10.01
N ILE B 232 -24.80 -10.32 -11.00
CA ILE B 232 -24.63 -9.43 -12.14
C ILE B 232 -25.56 -10.02 -13.19
N LYS B 233 -26.52 -9.21 -13.61
CA LYS B 233 -27.55 -9.64 -14.55
C LYS B 233 -27.31 -9.54 -16.04
N ARG B 234 -26.13 -9.07 -16.44
CA ARG B 234 -25.82 -8.92 -17.85
C ARG B 234 -24.31 -8.87 -17.96
N LYS B 235 -23.79 -9.13 -19.15
CA LYS B 235 -22.36 -9.05 -19.35
C LYS B 235 -22.13 -8.03 -20.46
N PRO B 236 -21.81 -6.78 -20.09
CA PRO B 236 -21.56 -5.69 -21.04
C PRO B 236 -20.38 -5.99 -21.96
N GLU B 237 -20.32 -5.29 -23.09
CA GLU B 237 -19.27 -5.46 -24.07
C GLU B 237 -17.91 -5.06 -23.47
N SER B 238 -17.94 -4.28 -22.39
CA SER B 238 -16.72 -3.83 -21.71
C SER B 238 -17.01 -3.39 -20.28
N ILE B 239 -15.93 -3.22 -19.51
CA ILE B 239 -16.00 -2.80 -18.11
C ILE B 239 -16.59 -1.41 -17.99
N PHE B 240 -16.57 -0.66 -19.07
CA PHE B 240 -17.08 0.71 -19.05
C PHE B 240 -18.56 0.81 -19.39
N ASP B 241 -19.17 -0.29 -19.83
CA ASP B 241 -20.58 -0.31 -20.20
C ASP B 241 -21.56 -0.79 -19.14
N TYR B 242 -21.16 -0.83 -17.87
CA TYR B 242 -22.08 -1.28 -16.83
C TYR B 242 -23.04 -0.18 -16.36
N ARG B 243 -24.30 -0.57 -16.13
CA ARG B 243 -25.33 0.35 -15.67
C ARG B 243 -25.78 -0.09 -14.29
N PHE B 244 -26.34 0.84 -13.52
CA PHE B 244 -26.82 0.58 -12.17
C PHE B 244 -27.79 -0.59 -12.12
N GLU B 245 -28.63 -0.67 -13.13
CA GLU B 245 -29.65 -1.71 -13.25
C GLU B 245 -29.12 -3.14 -13.39
N ASP B 246 -27.82 -3.28 -13.65
CA ASP B 246 -27.21 -4.60 -13.82
C ASP B 246 -26.89 -5.32 -12.51
N PHE B 247 -26.90 -4.61 -11.39
CA PHE B 247 -26.55 -5.24 -10.12
C PHE B 247 -27.73 -5.59 -9.23
N GLU B 248 -27.68 -6.77 -8.64
CA GLU B 248 -28.73 -7.26 -7.75
C GLU B 248 -28.07 -7.90 -6.53
N ILE B 249 -28.67 -7.69 -5.36
CA ILE B 249 -28.14 -8.26 -4.11
C ILE B 249 -29.21 -9.10 -3.42
N GLU B 250 -29.00 -10.41 -3.38
CA GLU B 250 -29.93 -11.33 -2.73
C GLU B 250 -29.55 -11.53 -1.28
N GLY B 251 -30.55 -11.88 -0.47
CA GLY B 251 -30.33 -12.17 0.93
C GLY B 251 -29.70 -11.15 1.85
N TYR B 252 -29.85 -9.86 1.55
CA TYR B 252 -29.30 -8.82 2.42
C TYR B 252 -30.41 -8.47 3.40
N ASP B 253 -30.25 -8.91 4.64
CA ASP B 253 -31.23 -8.65 5.68
C ASP B 253 -30.46 -8.05 6.87
N PRO B 254 -30.16 -6.74 6.80
CA PRO B 254 -29.42 -6.04 7.85
C PRO B 254 -30.22 -5.50 9.01
N HIS B 255 -29.49 -5.08 10.04
CA HIS B 255 -30.06 -4.44 11.22
C HIS B 255 -30.34 -3.01 10.75
N PRO B 256 -31.28 -2.30 11.38
CA PRO B 256 -31.57 -0.93 10.95
C PRO B 256 -30.37 0.03 10.89
N GLY B 257 -30.49 1.04 10.03
CA GLY B 257 -29.42 2.01 9.86
C GLY B 257 -29.09 2.85 11.08
N ILE B 258 -27.88 3.42 11.09
CA ILE B 258 -27.43 4.25 12.20
C ILE B 258 -26.91 5.55 11.62
N LYS B 259 -27.55 6.66 12.01
CA LYS B 259 -27.18 7.99 11.51
C LYS B 259 -25.99 8.60 12.28
N ALA B 260 -25.09 9.26 11.56
CA ALA B 260 -23.92 9.91 12.16
C ALA B 260 -23.40 11.04 11.25
N PRO B 261 -22.91 12.14 11.86
CA PRO B 261 -22.37 13.32 11.16
C PRO B 261 -20.99 13.10 10.53
N VAL B 262 -20.78 13.72 9.37
CA VAL B 262 -19.51 13.61 8.64
C VAL B 262 -18.54 14.69 9.10
N ALA B 263 -17.26 14.35 9.20
CA ALA B 263 -16.24 15.31 9.60
C ALA B 263 -15.70 15.97 8.33
N ILE B 264 -15.95 17.28 8.17
CA ILE B 264 -15.51 18.00 6.98
C ILE B 264 -14.11 18.60 7.08
#